data_6DGG
#
_entry.id   6DGG
#
_cell.length_a   39.682
_cell.length_b   29.131
_cell.length_c   41.493
_cell.angle_alpha   90.000
_cell.angle_beta   115.290
_cell.angle_gamma   90.000
#
_symmetry.space_group_name_H-M   'P 1 21 1'
#
loop_
_entity.id
_entity.type
_entity.pdbx_description
1 polymer RpfR
2 non-polymer 'LAURIC ACID'
3 water water
#
_entity_poly.entity_id   1
_entity_poly.type   'polypeptide(L)'
_entity_poly.pdbx_seq_one_letter_code
;QVVSEANSVIVILDRHGNIQRFNRLSEEYTGLKEQEVIGQNVFTLFMSPAEASASRRNVTGFFRNGSSYEVERWIKTRKG
QRLFLFRNKFVHSGSGRNEIFLICSGTDIT
;
_entity_poly.pdbx_strand_id   A
#
loop_
_chem_comp.id
_chem_comp.type
_chem_comp.name
_chem_comp.formula
DAO non-polymer 'LAURIC ACID' 'C12 H24 O2'
#
# COMPACT_ATOMS: atom_id res chain seq x y z
N VAL A 2 0.11 -13.57 -21.81
CA VAL A 2 0.89 -12.95 -20.74
C VAL A 2 1.99 -13.91 -20.25
N VAL A 3 3.22 -13.43 -20.32
CA VAL A 3 4.38 -14.29 -20.12
C VAL A 3 4.49 -14.74 -18.67
N SER A 4 4.26 -13.83 -17.72
CA SER A 4 4.38 -14.13 -16.31
C SER A 4 3.48 -13.18 -15.54
N GLU A 5 3.41 -13.38 -14.23
CA GLU A 5 2.66 -12.50 -13.34
C GLU A 5 3.47 -12.26 -12.08
N ALA A 6 3.18 -11.14 -11.43
CA ALA A 6 3.83 -10.84 -10.17
C ALA A 6 3.08 -11.51 -9.02
N ASN A 7 3.74 -11.54 -7.86
CA ASN A 7 3.22 -12.22 -6.68
C ASN A 7 2.90 -11.25 -5.56
N SER A 8 3.08 -9.96 -5.78
CA SER A 8 3.05 -8.95 -4.74
C SER A 8 2.19 -7.79 -5.18
N VAL A 9 1.55 -7.15 -4.21
CA VAL A 9 0.89 -5.87 -4.43
C VAL A 9 1.90 -4.77 -4.13
N ILE A 10 2.23 -4.00 -5.15
CA ILE A 10 3.30 -3.00 -5.07
C ILE A 10 2.65 -1.63 -5.24
N VAL A 11 2.71 -0.82 -4.19
CA VAL A 11 2.10 0.50 -4.15
C VAL A 11 3.15 1.49 -3.67
N ILE A 12 3.32 2.59 -4.39
CA ILE A 12 4.26 3.64 -4.03
C ILE A 12 3.45 4.83 -3.54
N LEU A 13 3.84 5.39 -2.39
CA LEU A 13 3.10 6.44 -1.71
C LEU A 13 4.01 7.63 -1.49
N ASP A 14 3.41 8.83 -1.41
CA ASP A 14 4.12 9.98 -0.87
C ASP A 14 3.85 10.07 0.63
N ARG A 15 4.38 11.14 1.25
CA ARG A 15 4.29 11.25 2.71
C ARG A 15 2.85 11.37 3.20
N HIS A 16 1.92 11.70 2.32
CA HIS A 16 0.52 11.85 2.69
C HIS A 16 -0.29 10.57 2.49
N GLY A 17 0.35 9.51 2.00
CA GLY A 17 -0.39 8.32 1.61
C GLY A 17 -1.05 8.41 0.26
N ASN A 18 -0.74 9.44 -0.52
CA ASN A 18 -1.28 9.53 -1.87
C ASN A 18 -0.50 8.65 -2.83
N ILE A 19 -1.23 7.99 -3.71
CA ILE A 19 -0.69 6.88 -4.48
C ILE A 19 0.03 7.41 -5.72
N GLN A 20 1.23 6.90 -5.95
CA GLN A 20 2.05 7.26 -7.08
C GLN A 20 2.12 6.18 -8.15
N ARG A 21 2.14 4.91 -7.72
CA ARG A 21 2.10 3.75 -8.60
C ARG A 21 1.31 2.65 -7.89
N PHE A 22 0.74 1.75 -8.68
CA PHE A 22 -0.24 0.78 -8.20
C PHE A 22 -0.23 -0.34 -9.25
N ASN A 23 0.29 -1.50 -8.89
CA ASN A 23 0.62 -2.50 -9.91
C ASN A 23 -0.59 -3.37 -10.27
N ARG A 24 -0.37 -4.30 -11.20
CA ARG A 24 -1.48 -5.05 -11.78
C ARG A 24 -2.16 -5.93 -10.74
N LEU A 25 -1.39 -6.55 -9.85
CA LEU A 25 -2.02 -7.38 -8.84
C LEU A 25 -2.87 -6.54 -7.89
N SER A 26 -2.44 -5.31 -7.61
CA SER A 26 -3.26 -4.38 -6.85
C SER A 26 -4.58 -4.11 -7.56
N GLU A 27 -4.54 -3.94 -8.88
CA GLU A 27 -5.76 -3.76 -9.66
C GLU A 27 -6.66 -4.98 -9.53
N GLU A 28 -6.09 -6.19 -9.62
CA GLU A 28 -6.90 -7.40 -9.55
C GLU A 28 -7.60 -7.53 -8.20
N TYR A 29 -6.90 -7.19 -7.11
CA TYR A 29 -7.52 -7.30 -5.78
C TYR A 29 -8.63 -6.30 -5.57
N THR A 30 -8.55 -5.12 -6.18
CA THR A 30 -9.41 -4.01 -5.82
C THR A 30 -10.46 -3.66 -6.86
N GLY A 31 -10.26 -4.08 -8.11
CA GLY A 31 -11.13 -3.68 -9.21
C GLY A 31 -10.88 -2.28 -9.71
N LEU A 32 -9.79 -1.62 -9.28
CA LEU A 32 -9.48 -0.25 -9.64
C LEU A 32 -8.19 -0.24 -10.47
N LYS A 33 -8.16 0.59 -11.51
CA LYS A 33 -6.96 0.72 -12.33
C LYS A 33 -6.00 1.73 -11.72
N GLU A 34 -4.72 1.53 -12.00
CA GLU A 34 -3.70 2.49 -11.57
C GLU A 34 -4.09 3.92 -11.91
N GLN A 35 -4.56 4.16 -13.13
CA GLN A 35 -4.91 5.53 -13.53
C GLN A 35 -6.03 6.11 -12.67
N GLU A 36 -6.88 5.25 -12.10
CA GLU A 36 -8.00 5.71 -11.29
C GLU A 36 -7.60 6.05 -9.88
N VAL A 37 -6.46 5.55 -9.40
CA VAL A 37 -6.08 5.71 -8.00
C VAL A 37 -4.86 6.61 -7.80
N ILE A 38 -4.13 6.95 -8.86
CA ILE A 38 -2.99 7.84 -8.64
C ILE A 38 -3.50 9.18 -8.11
N GLY A 39 -2.80 9.71 -7.11
CA GLY A 39 -3.21 10.92 -6.43
C GLY A 39 -4.24 10.70 -5.34
N GLN A 40 -4.83 9.52 -5.24
CA GLN A 40 -5.84 9.23 -4.23
C GLN A 40 -5.17 8.73 -2.96
N ASN A 41 -5.87 8.88 -1.85
CA ASN A 41 -5.32 8.53 -0.55
C ASN A 41 -5.52 7.05 -0.23
N VAL A 42 -4.42 6.36 0.05
CA VAL A 42 -4.47 4.92 0.22
C VAL A 42 -5.21 4.54 1.50
N PHE A 43 -5.10 5.36 2.56
CA PHE A 43 -5.70 5.00 3.84
C PHE A 43 -7.23 5.05 3.76
N THR A 44 -7.78 6.14 3.25
CA THR A 44 -9.23 6.24 3.24
C THR A 44 -9.84 5.34 2.17
N LEU A 45 -9.07 5.03 1.13
CA LEU A 45 -9.59 4.21 0.04
C LEU A 45 -9.60 2.72 0.38
N PHE A 46 -8.57 2.23 1.10
CA PHE A 46 -8.37 0.79 1.23
C PHE A 46 -8.32 0.27 2.65
N MET A 47 -8.62 1.10 3.66
CA MET A 47 -8.51 0.64 5.04
C MET A 47 -9.72 1.07 5.85
N SER A 48 -10.05 0.23 6.83
CA SER A 48 -11.03 0.59 7.84
C SER A 48 -10.53 1.78 8.64
N PRO A 49 -11.42 2.47 9.36
CA PRO A 49 -10.94 3.63 10.12
C PRO A 49 -9.82 3.30 11.09
N ALA A 50 -9.92 2.17 11.78
CA ALA A 50 -8.89 1.82 12.76
C ALA A 50 -7.57 1.53 12.08
N GLU A 51 -7.60 0.80 10.96
CA GLU A 51 -6.35 0.52 10.26
C GLU A 51 -5.77 1.78 9.64
N ALA A 52 -6.64 2.63 9.07
CA ALA A 52 -6.18 3.87 8.45
C ALA A 52 -5.47 4.76 9.48
N SER A 53 -6.04 4.88 10.67
CA SER A 53 -5.43 5.72 11.69
C SER A 53 -4.05 5.20 12.08
N ALA A 54 -3.93 3.90 12.30
CA ALA A 54 -2.64 3.34 12.64
C ALA A 54 -1.66 3.52 11.49
N SER A 55 -2.11 3.23 10.27
CA SER A 55 -1.23 3.27 9.10
C SER A 55 -0.77 4.68 8.81
N ARG A 56 -1.68 5.65 8.87
CA ARG A 56 -1.32 7.03 8.63
C ARG A 56 -0.24 7.49 9.61
N ARG A 57 -0.36 7.11 10.88
CA ARG A 57 0.67 7.48 11.85
C ARG A 57 1.99 6.79 11.54
N ASN A 58 1.95 5.55 11.07
CA ASN A 58 3.18 4.86 10.69
C ASN A 58 3.89 5.59 9.56
N VAL A 59 3.14 5.96 8.53
CA VAL A 59 3.77 6.58 7.36
C VAL A 59 4.32 7.96 7.72
N THR A 60 3.55 8.76 8.45
CA THR A 60 4.04 10.06 8.89
C THR A 60 5.27 9.90 9.77
N GLY A 61 5.27 8.93 10.67
CA GLY A 61 6.45 8.69 11.49
C GLY A 61 7.63 8.23 10.66
N PHE A 62 7.38 7.35 9.69
CA PHE A 62 8.44 6.85 8.82
C PHE A 62 9.12 8.00 8.08
N PHE A 63 8.34 8.96 7.59
CA PHE A 63 8.93 10.08 6.87
C PHE A 63 9.75 10.99 7.78
N ARG A 64 9.49 10.97 9.08
CA ARG A 64 10.29 11.74 10.02
C ARG A 64 11.63 11.07 10.28
N ASN A 65 11.61 9.81 10.72
CA ASN A 65 12.85 9.18 11.20
C ASN A 65 12.82 7.67 11.02
N GLY A 66 12.09 7.18 10.03
CA GLY A 66 11.88 5.76 9.90
C GLY A 66 13.03 5.03 9.24
N SER A 67 13.23 3.79 9.67
CA SER A 67 14.04 2.80 8.98
C SER A 67 13.10 1.79 8.34
N SER A 68 13.61 1.08 7.33
CA SER A 68 12.76 0.12 6.63
C SER A 68 12.20 -0.89 7.61
N TYR A 69 10.97 -1.35 7.33
CA TYR A 69 10.24 -2.12 8.33
C TYR A 69 9.19 -2.98 7.64
N GLU A 70 8.63 -3.90 8.41
CA GLU A 70 7.51 -4.72 7.97
C GLU A 70 6.32 -4.47 8.90
N VAL A 71 5.13 -4.60 8.32
CA VAL A 71 3.89 -4.40 9.07
C VAL A 71 2.83 -5.27 8.44
N GLU A 72 1.84 -5.66 9.26
CA GLU A 72 0.66 -6.37 8.78
C GLU A 72 -0.54 -5.42 8.82
N ARG A 73 -1.29 -5.38 7.72
CA ARG A 73 -2.39 -4.45 7.56
C ARG A 73 -3.56 -5.19 6.94
N TRP A 74 -4.73 -5.05 7.55
CA TRP A 74 -5.96 -5.54 6.92
C TRP A 74 -6.37 -4.53 5.86
N ILE A 75 -6.68 -5.02 4.66
CA ILE A 75 -6.91 -4.19 3.48
C ILE A 75 -8.25 -4.56 2.87
N LYS A 76 -9.03 -3.55 2.48
CA LYS A 76 -10.32 -3.75 1.83
C LYS A 76 -10.09 -4.12 0.37
N THR A 77 -10.55 -5.30 -0.02
CA THR A 77 -10.44 -5.78 -1.39
C THR A 77 -11.84 -6.10 -1.92
N ARG A 78 -11.91 -6.46 -3.21
CA ARG A 78 -13.19 -6.71 -3.84
C ARG A 78 -13.90 -7.92 -3.24
N LYS A 79 -13.17 -8.80 -2.54
CA LYS A 79 -13.78 -9.89 -1.78
C LYS A 79 -13.53 -9.68 -0.29
N GLY A 80 -13.80 -8.48 0.20
CA GLY A 80 -13.68 -8.22 1.61
C GLY A 80 -12.25 -8.00 2.07
N GLN A 81 -12.10 -7.93 3.39
CA GLN A 81 -10.79 -7.63 3.96
C GLN A 81 -9.85 -8.82 3.84
N ARG A 82 -8.62 -8.53 3.45
CA ARG A 82 -7.54 -9.50 3.38
C ARG A 82 -6.33 -8.92 4.11
N LEU A 83 -5.55 -9.80 4.75
CA LEU A 83 -4.40 -9.36 5.53
C LEU A 83 -3.16 -9.40 4.66
N PHE A 84 -2.38 -8.32 4.66
CA PHE A 84 -1.17 -8.24 3.88
C PHE A 84 0.01 -7.94 4.78
N LEU A 85 1.15 -8.57 4.47
CA LEU A 85 2.45 -8.17 5.00
C LEU A 85 3.01 -7.15 4.04
N PHE A 86 3.32 -5.96 4.53
CA PHE A 86 3.96 -4.93 3.73
C PHE A 86 5.39 -4.75 4.18
N ARG A 87 6.32 -4.85 3.22
CA ARG A 87 7.72 -4.53 3.44
C ARG A 87 7.92 -3.12 2.90
N ASN A 88 8.26 -2.18 3.78
CA ASN A 88 8.21 -0.75 3.47
C ASN A 88 9.59 -0.12 3.57
N LYS A 89 9.96 0.67 2.58
CA LYS A 89 11.24 1.35 2.57
C LYS A 89 11.15 2.54 1.63
N PHE A 90 12.07 3.47 1.81
CA PHE A 90 12.19 4.59 0.89
C PHE A 90 12.73 4.12 -0.45
N VAL A 91 12.35 4.83 -1.51
CA VAL A 91 13.09 4.72 -2.77
C VAL A 91 14.54 5.05 -2.50
N HIS A 92 15.44 4.27 -3.10
CA HIS A 92 16.87 4.50 -2.96
C HIS A 92 17.25 5.91 -3.42
N GLU A 99 14.48 11.69 -0.07
CA GLU A 99 13.47 10.65 -0.25
C GLU A 99 12.08 11.21 -0.04
N ILE A 100 11.25 11.12 -1.08
CA ILE A 100 9.86 11.58 -0.99
C ILE A 100 8.86 10.47 -1.24
N PHE A 101 9.29 9.29 -1.65
CA PHE A 101 8.37 8.19 -1.94
C PHE A 101 8.71 6.96 -1.11
N LEU A 102 7.65 6.28 -0.70
CA LEU A 102 7.72 5.06 0.10
C LEU A 102 7.24 3.91 -0.79
N ILE A 103 8.06 2.87 -0.93
CA ILE A 103 7.69 1.67 -1.68
C ILE A 103 7.09 0.68 -0.70
N CYS A 104 5.84 0.28 -0.94
CA CYS A 104 5.17 -0.72 -0.12
C CYS A 104 5.06 -2.02 -0.92
N SER A 105 5.72 -3.06 -0.44
CA SER A 105 5.81 -4.34 -1.15
CA SER A 105 5.80 -4.33 -1.15
C SER A 105 5.03 -5.38 -0.35
N GLY A 106 3.83 -5.71 -0.83
CA GLY A 106 2.87 -6.48 -0.07
C GLY A 106 2.68 -7.92 -0.55
N THR A 107 2.48 -8.81 0.42
CA THR A 107 2.10 -10.19 0.19
C THR A 107 0.78 -10.45 0.92
N ASP A 108 -0.16 -11.09 0.24
CA ASP A 108 -1.41 -11.51 0.87
C ASP A 108 -1.13 -12.68 1.81
N ILE A 109 -1.22 -12.44 3.11
CA ILE A 109 -0.92 -13.44 4.14
C ILE A 109 -2.17 -13.96 4.82
N THR A 110 -3.34 -13.75 4.22
CA THR A 110 -4.59 -14.21 4.82
C THR A 110 -4.58 -15.72 4.94
O1 DAO B . 0.70 0.77 7.82
O2 DAO B . 2.85 1.02 8.04
C1 DAO B . 1.82 1.04 7.32
C2 DAO B . 1.88 1.45 5.84
C3 DAO B . 1.07 0.49 4.94
C4 DAO B . 0.80 1.02 3.52
C5 DAO B . 0.10 -0.06 2.68
C6 DAO B . -0.37 0.35 1.26
C7 DAO B . -1.74 -0.32 0.99
C8 DAO B . -2.03 -0.70 -0.48
C9 DAO B . -3.32 -1.53 -0.52
C10 DAO B . -3.96 -1.65 -1.91
C11 DAO B . -3.44 -2.84 -2.71
C12 DAO B . -4.13 -4.14 -2.31
H21 DAO B . 1.49 2.33 5.74
H22 DAO B . 2.81 1.47 5.54
H31 DAO B . 0.23 0.30 5.38
H32 DAO B . 1.56 -0.34 4.87
H41 DAO B . 1.63 1.28 3.11
H42 DAO B . 0.22 1.80 3.58
H51 DAO B . -0.67 -0.38 3.18
H52 DAO B . 0.71 -0.81 2.59
H61 DAO B . -0.45 1.31 1.21
H62 DAO B . 0.28 0.04 0.61
H71 DAO B . -1.79 -1.13 1.53
H72 DAO B . -2.43 0.28 1.28
H81 DAO B . -2.14 0.11 -1.00
H82 DAO B . -1.29 -1.22 -0.84
H91 DAO B . -3.12 -2.42 -0.18
H92 DAO B . -3.96 -1.12 0.08
H101 DAO B . -4.93 -1.75 -1.80
H102 DAO B . -3.79 -0.83 -2.40
H111 DAO B . -2.49 -2.93 -2.57
H112 DAO B . -3.60 -2.69 -3.66
H121 DAO B . -3.95 -4.33 -1.38
H122 DAO B . -3.81 -4.87 -2.85
H123 DAO B . -5.09 -4.04 -2.44
#